data_4JL0
#
_entry.id   4JL0
#
_cell.length_a   45.100
_cell.length_b   73.290
_cell.length_c   98.940
_cell.angle_alpha   90.000
_cell.angle_beta   90.000
_cell.angle_gamma   90.000
#
_symmetry.space_group_name_H-M   'P 21 2 21'
#
loop_
_entity.id
_entity.type
_entity.pdbx_description
1 polymer 'Regulatory protein PcrH'
2 polymer PopB
3 non-polymer 2-AMINO-2-HYDROXYMETHYL-PROPANE-1,3-DIOL
4 water water
#
loop_
_entity_poly.entity_id
_entity_poly.type
_entity_poly.pdbx_seq_one_letter_code
_entity_poly.pdbx_strand_id
1 'polypeptide(L)'
;GSDGGTLAMLRGLSEDTLEQLYALGFNQYQAGKWDDAQKIFQALCMLDHYDARYFLGLGACRQSLGLYEQALQSYSYGAL
MDINEPRFPFHAAECHLQLGDLDGAESGFYSARALAAAQPAHEALAARAGAMLEAVTARKDR
;
A,B
2 'polypeptide(L)' TGVALTPPS C,D
#
loop_
_chem_comp.id
_chem_comp.type
_chem_comp.name
_chem_comp.formula
TRS non-polymer 2-AMINO-2-HYDROXYMETHYL-PROPANE-1,3-DIOL 'C4 H12 N O3 1'
#
# COMPACT_ATOMS: atom_id res chain seq x y z
N LEU A 10 4.47 21.38 4.32
CA LEU A 10 5.49 20.96 3.31
C LEU A 10 4.85 20.45 2.00
N ARG A 11 3.53 20.51 1.92
CA ARG A 11 2.80 20.02 0.75
C ARG A 11 3.13 20.82 -0.52
N GLY A 12 3.41 20.10 -1.61
CA GLY A 12 3.58 20.72 -2.92
C GLY A 12 4.97 21.18 -3.30
N LEU A 13 5.98 20.41 -2.93
CA LEU A 13 7.35 20.72 -3.33
C LEU A 13 7.59 20.35 -4.80
N SER A 14 8.52 21.05 -5.44
CA SER A 14 8.93 20.77 -6.79
C SER A 14 9.63 19.41 -6.86
N GLU A 15 9.79 18.89 -8.08
CA GLU A 15 10.42 17.59 -8.29
C GLU A 15 11.89 17.59 -7.92
N ASP A 16 12.51 18.76 -7.92
CA ASP A 16 13.90 18.84 -7.55
C ASP A 16 14.09 18.60 -6.06
N THR A 17 13.25 19.22 -5.24
CA THR A 17 13.35 19.03 -3.80
C THR A 17 12.98 17.61 -3.47
N LEU A 18 11.83 17.14 -3.98
CA LEU A 18 11.42 15.76 -3.79
C LEU A 18 12.59 14.86 -4.12
N GLU A 19 13.24 15.12 -5.25
CA GLU A 19 14.38 14.32 -5.66
C GLU A 19 15.53 14.35 -4.65
N GLN A 20 15.77 15.53 -4.07
CA GLN A 20 16.84 15.66 -3.06
C GLN A 20 16.46 15.06 -1.71
N LEU A 21 15.20 15.21 -1.32
CA LEU A 21 14.66 14.51 -0.17
C LEU A 21 14.78 13.00 -0.36
N TYR A 22 14.53 12.54 -1.59
CA TYR A 22 14.75 11.14 -1.93
C TYR A 22 16.19 10.73 -1.73
N ALA A 23 17.11 11.54 -2.24
CA ALA A 23 18.53 11.31 -2.06
C ALA A 23 18.95 11.20 -0.57
N LEU A 24 18.38 12.06 0.27
CA LEU A 24 18.70 12.06 1.70
C LEU A 24 18.27 10.75 2.38
N GLY A 25 17.04 10.33 2.11
CA GLY A 25 16.52 9.05 2.63
C GLY A 25 17.36 7.87 2.19
N PHE A 26 17.67 7.85 0.90
CA PHE A 26 18.54 6.85 0.29
C PHE A 26 19.90 6.78 0.98
N ASN A 27 20.51 7.94 1.18
CA ASN A 27 21.80 8.03 1.88
C ASN A 27 21.75 7.60 3.34
N GLN A 28 20.71 8.02 4.06
CA GLN A 28 20.55 7.55 5.44
C GLN A 28 20.35 6.03 5.51
N TYR A 29 19.60 5.47 4.56
CA TYR A 29 19.48 4.02 4.41
C TYR A 29 20.85 3.37 4.15
N GLN A 30 21.58 3.89 3.16
CA GLN A 30 22.94 3.42 2.88
C GLN A 30 23.81 3.45 4.13
N ALA A 31 23.54 4.40 5.02
CA ALA A 31 24.39 4.63 6.20
C ALA A 31 23.99 3.77 7.40
N GLY A 32 22.92 2.99 7.24
CA GLY A 32 22.44 2.11 8.29
C GLY A 32 21.55 2.85 9.27
N LYS A 33 21.26 4.12 8.97
CA LYS A 33 20.48 4.96 9.88
C LYS A 33 19.01 4.79 9.55
N TRP A 34 18.47 3.63 9.94
CA TRP A 34 17.19 3.17 9.41
C TRP A 34 15.98 3.91 9.88
N ASP A 35 15.97 4.30 11.16
CA ASP A 35 14.82 5.03 11.69
C ASP A 35 14.69 6.42 11.10
N ASP A 36 15.81 7.09 10.87
CA ASP A 36 15.81 8.42 10.24
C ASP A 36 15.33 8.26 8.78
N ALA A 37 15.92 7.31 8.07
CA ALA A 37 15.55 7.00 6.67
C ALA A 37 14.07 6.67 6.52
N GLN A 38 13.55 5.83 7.42
CA GLN A 38 12.13 5.51 7.41
C GLN A 38 11.27 6.77 7.42
N LYS A 39 11.64 7.72 8.29
CA LYS A 39 10.83 8.92 8.48
C LYS A 39 10.74 9.77 7.23
N ILE A 40 11.88 9.94 6.56
CA ILE A 40 11.94 10.62 5.25
C ILE A 40 11.13 9.93 4.14
N PHE A 41 11.34 8.63 3.92
CA PHE A 41 10.51 7.90 2.93
C PHE A 41 9.02 7.99 3.25
N GLN A 42 8.69 7.86 4.53
CA GLN A 42 7.32 8.04 5.01
C GLN A 42 6.78 9.40 4.54
N ALA A 43 7.56 10.44 4.74
CA ALA A 43 7.19 11.78 4.28
C ALA A 43 7.04 11.80 2.75
N LEU A 44 8.00 11.22 2.04
CA LEU A 44 7.94 11.22 0.58
C LEU A 44 6.70 10.48 0.05
N CYS A 45 6.36 9.34 0.69
CA CYS A 45 5.14 8.58 0.35
C CYS A 45 3.86 9.37 0.54
N MET A 46 3.84 10.28 1.50
CA MET A 46 2.68 11.14 1.69
C MET A 46 2.65 12.27 0.65
N LEU A 47 3.82 12.74 0.25
CA LEU A 47 3.92 13.83 -0.74
C LEU A 47 3.57 13.42 -2.18
N ASP A 48 3.87 12.17 -2.54
CA ASP A 48 3.60 11.69 -3.89
C ASP A 48 3.19 10.22 -3.79
N HIS A 49 1.89 9.96 -3.72
CA HIS A 49 1.43 8.58 -3.53
C HIS A 49 1.44 7.69 -4.75
N TYR A 50 2.20 8.07 -5.79
CA TYR A 50 2.20 7.35 -7.07
C TYR A 50 3.57 6.87 -7.45
N ASP A 51 4.59 7.39 -6.77
CA ASP A 51 5.96 7.12 -7.14
C ASP A 51 6.46 5.91 -6.37
N ALA A 52 6.50 4.76 -7.06
CA ALA A 52 6.81 3.47 -6.43
C ALA A 52 8.11 3.43 -5.61
N ARG A 53 9.11 4.21 -6.00
CA ARG A 53 10.41 4.16 -5.34
C ARG A 53 10.32 4.59 -3.88
N TYR A 54 9.38 5.46 -3.56
CA TYR A 54 9.23 5.91 -2.18
C TYR A 54 8.76 4.78 -1.27
N PHE A 55 7.94 3.93 -1.81
CA PHE A 55 7.42 2.82 -1.12
C PHE A 55 8.40 1.69 -1.05
N LEU A 56 9.30 1.62 -2.00
CA LEU A 56 10.39 0.72 -1.90
C LEU A 56 11.31 1.12 -0.76
N GLY A 57 11.64 2.38 -0.67
CA GLY A 57 12.39 2.90 0.45
C GLY A 57 11.78 2.68 1.82
N LEU A 58 10.51 3.02 1.96
CA LEU A 58 9.77 2.82 3.17
C LEU A 58 9.81 1.38 3.64
N GLY A 59 9.42 0.48 2.77
CA GLY A 59 9.60 -0.93 2.95
C GLY A 59 10.97 -1.34 3.36
N ALA A 60 11.97 -0.90 2.67
CA ALA A 60 13.30 -1.31 2.98
C ALA A 60 13.78 -0.97 4.41
N CYS A 61 13.42 0.22 4.86
CA CYS A 61 13.81 0.67 6.17
C CYS A 61 13.12 -0.17 7.21
N ARG A 62 11.85 -0.40 7.02
CA ARG A 62 11.10 -1.20 7.92
C ARG A 62 11.64 -2.62 7.98
N GLN A 63 12.07 -3.17 6.87
CA GLN A 63 12.65 -4.48 6.85
C GLN A 63 13.89 -4.54 7.73
N SER A 64 14.78 -3.59 7.57
CA SER A 64 16.02 -3.53 8.31
C SER A 64 15.82 -3.37 9.79
N LEU A 65 14.73 -2.78 10.18
CA LEU A 65 14.44 -2.58 11.55
C LEU A 65 13.71 -3.76 12.13
N GLY A 66 13.44 -4.72 11.29
CA GLY A 66 12.70 -5.87 11.66
C GLY A 66 11.22 -5.70 11.76
N LEU A 67 10.67 -4.67 11.13
CA LEU A 67 9.27 -4.42 11.08
C LEU A 67 8.67 -4.99 9.80
N TYR A 68 8.53 -6.29 9.77
CA TYR A 68 8.20 -7.02 8.59
C TYR A 68 6.81 -6.78 8.05
N GLU A 69 5.81 -6.79 8.89
CA GLU A 69 4.46 -6.56 8.43
C GLU A 69 4.27 -5.18 7.84
N GLN A 70 4.89 -4.19 8.47
CA GLN A 70 4.82 -2.84 8.01
C GLN A 70 5.55 -2.70 6.69
N ALA A 71 6.67 -3.37 6.57
CA ALA A 71 7.36 -3.43 5.32
C ALA A 71 6.46 -3.97 4.24
N LEU A 72 5.72 -5.02 4.52
CA LEU A 72 4.83 -5.61 3.53
C LEU A 72 3.76 -4.67 3.00
N GLN A 73 3.18 -3.87 3.88
CA GLN A 73 2.18 -2.91 3.52
C GLN A 73 2.71 -1.93 2.50
N SER A 74 3.92 -1.48 2.70
CA SER A 74 4.59 -0.63 1.79
C SER A 74 4.95 -1.27 0.44
N TYR A 75 5.56 -2.42 0.46
CA TYR A 75 5.87 -3.17 -0.75
C TYR A 75 4.61 -3.51 -1.58
N SER A 76 3.52 -3.89 -0.91
CA SER A 76 2.25 -4.18 -1.60
C SER A 76 1.70 -2.99 -2.36
N TYR A 77 1.69 -1.82 -1.73
CA TYR A 77 1.22 -0.65 -2.44
C TYR A 77 2.16 -0.35 -3.61
N GLY A 78 3.47 -0.44 -3.36
CA GLY A 78 4.46 -0.24 -4.39
C GLY A 78 4.18 -1.06 -5.63
N ALA A 79 3.90 -2.35 -5.44
CA ALA A 79 3.66 -3.28 -6.54
C ALA A 79 2.46 -2.87 -7.41
N LEU A 80 1.46 -2.25 -6.80
CA LEU A 80 0.33 -1.76 -7.57
C LEU A 80 0.75 -0.57 -8.45
N MET A 81 1.72 0.20 -7.97
CA MET A 81 2.20 1.37 -8.69
C MET A 81 3.10 1.01 -9.86
N ASP A 82 3.85 -0.08 -9.73
CA ASP A 82 4.70 -0.53 -10.81
C ASP A 82 4.66 -2.05 -10.90
N ILE A 83 3.66 -2.54 -11.62
CA ILE A 83 3.35 -3.95 -11.84
C ILE A 83 4.52 -4.76 -12.42
N ASN A 84 5.50 -4.07 -13.02
CA ASN A 84 6.67 -4.74 -13.60
C ASN A 84 7.90 -4.81 -12.67
N GLU A 85 7.80 -4.23 -11.47
CA GLU A 85 8.97 -4.13 -10.59
C GLU A 85 9.15 -5.37 -9.71
N PRO A 86 10.25 -6.12 -9.91
CA PRO A 86 10.47 -7.36 -9.17
C PRO A 86 10.93 -7.19 -7.73
N ARG A 87 11.56 -6.06 -7.40
CA ARG A 87 12.02 -5.82 -6.03
C ARG A 87 10.90 -5.92 -5.00
N PHE A 88 9.69 -5.57 -5.40
CA PHE A 88 8.53 -5.60 -4.50
C PHE A 88 8.17 -7.01 -4.07
N PRO A 89 7.76 -7.88 -5.01
CA PRO A 89 7.51 -9.27 -4.60
C PRO A 89 8.73 -9.96 -3.99
N PHE A 90 9.94 -9.63 -4.44
CA PHE A 90 11.13 -10.26 -3.88
C PHE A 90 11.34 -9.98 -2.37
N HIS A 91 11.34 -8.71 -1.97
CA HIS A 91 11.59 -8.37 -0.56
C HIS A 91 10.37 -8.62 0.28
N ALA A 92 9.19 -8.48 -0.33
CA ALA A 92 7.97 -8.93 0.32
C ALA A 92 8.18 -10.37 0.77
N ALA A 93 8.69 -11.19 -0.15
CA ALA A 93 8.94 -12.61 0.11
C ALA A 93 9.96 -12.84 1.25
N GLU A 94 11.01 -12.02 1.29
CA GLU A 94 11.93 -12.04 2.44
C GLU A 94 11.24 -11.78 3.76
N CYS A 95 10.35 -10.79 3.78
CA CYS A 95 9.59 -10.47 4.97
C CYS A 95 8.69 -11.63 5.35
N HIS A 96 8.00 -12.21 4.36
CA HIS A 96 7.15 -13.37 4.57
C HIS A 96 7.94 -14.49 5.20
N LEU A 97 9.13 -14.72 4.68
CA LEU A 97 10.04 -15.74 5.20
C LEU A 97 10.39 -15.50 6.68
N GLN A 98 10.79 -14.30 7.06
CA GLN A 98 11.10 -13.98 8.44
C GLN A 98 9.92 -14.13 9.35
N LEU A 99 8.75 -14.01 8.79
CA LEU A 99 7.56 -14.12 9.52
C LEU A 99 7.03 -15.51 9.60
N GLY A 100 7.60 -16.42 8.86
CA GLY A 100 7.19 -17.79 8.90
C GLY A 100 6.07 -18.12 7.96
N ASP A 101 5.90 -17.32 6.95
CA ASP A 101 4.88 -17.51 5.93
C ASP A 101 5.48 -17.95 4.62
N LEU A 102 5.57 -19.25 4.43
CA LEU A 102 6.20 -19.86 3.31
C LEU A 102 5.40 -19.77 2.03
N ASP A 103 4.10 -19.71 2.13
CA ASP A 103 3.26 -19.53 0.94
C ASP A 103 3.41 -18.12 0.35
N GLY A 104 3.31 -17.12 1.21
CA GLY A 104 3.60 -15.74 0.83
C GLY A 104 4.97 -15.63 0.23
N ALA A 105 5.93 -16.32 0.83
CA ALA A 105 7.31 -16.27 0.41
C ALA A 105 7.46 -16.88 -0.98
N GLU A 106 6.89 -18.07 -1.15
CA GLU A 106 6.88 -18.79 -2.44
C GLU A 106 6.24 -17.96 -3.55
N SER A 107 5.05 -17.46 -3.25
CA SER A 107 4.28 -16.60 -4.13
C SER A 107 5.06 -15.34 -4.56
N GLY A 108 5.76 -14.71 -3.62
CA GLY A 108 6.58 -13.53 -3.97
C GLY A 108 7.85 -13.83 -4.76
N PHE A 109 8.60 -14.84 -4.34
CA PHE A 109 9.80 -15.26 -5.11
C PHE A 109 9.42 -15.70 -6.54
N TYR A 110 8.29 -16.42 -6.68
CA TYR A 110 7.74 -16.81 -7.99
C TYR A 110 7.45 -15.61 -8.90
N SER A 111 6.63 -14.66 -8.40
CA SER A 111 6.30 -13.43 -9.13
CA SER A 111 6.29 -13.45 -9.13
C SER A 111 7.53 -12.62 -9.46
N ALA A 112 8.44 -12.50 -8.50
CA ALA A 112 9.68 -11.75 -8.70
C ALA A 112 10.54 -12.38 -9.80
N ARG A 113 10.57 -13.70 -9.85
CA ARG A 113 11.32 -14.39 -10.91
C ARG A 113 10.77 -14.00 -12.27
N ALA A 114 9.45 -14.08 -12.44
CA ALA A 114 8.79 -13.77 -13.71
C ALA A 114 9.10 -12.36 -14.17
N LEU A 115 8.84 -11.38 -13.29
CA LEU A 115 9.06 -9.96 -13.57
C LEU A 115 10.51 -9.69 -13.89
N ALA A 116 11.39 -10.26 -13.08
CA ALA A 116 12.82 -10.11 -13.27
C ALA A 116 13.32 -10.77 -14.56
N ALA A 117 12.76 -11.93 -14.92
CA ALA A 117 13.22 -12.69 -16.12
C ALA A 117 12.89 -11.96 -17.40
N ALA A 118 11.86 -11.12 -17.36
CA ALA A 118 11.41 -10.36 -18.52
C ALA A 118 12.24 -9.09 -18.74
N GLN A 119 13.18 -8.83 -17.83
CA GLN A 119 13.94 -7.59 -17.85
C GLN A 119 15.44 -7.86 -17.62
N PRO A 120 16.25 -7.69 -18.67
CA PRO A 120 17.71 -7.91 -18.59
C PRO A 120 18.39 -7.16 -17.43
N ALA A 121 17.86 -5.99 -17.09
CA ALA A 121 18.37 -5.21 -15.95
C ALA A 121 18.29 -5.96 -14.63
N HIS A 122 17.41 -6.95 -14.55
CA HIS A 122 17.13 -7.65 -13.31
C HIS A 122 17.60 -9.08 -13.29
N GLU A 123 18.62 -9.38 -14.11
CA GLU A 123 19.15 -10.73 -14.25
C GLU A 123 19.62 -11.38 -12.94
N ALA A 124 20.46 -10.67 -12.19
CA ALA A 124 20.97 -11.17 -10.91
C ALA A 124 19.83 -11.45 -9.92
N LEU A 125 18.82 -10.57 -9.93
CA LEU A 125 17.66 -10.74 -9.08
C LEU A 125 16.89 -12.00 -9.49
N ALA A 126 16.67 -12.15 -10.81
CA ALA A 126 16.00 -13.35 -11.35
C ALA A 126 16.54 -14.63 -10.76
N ALA A 127 17.86 -14.74 -10.69
CA ALA A 127 18.53 -15.92 -10.13
C ALA A 127 18.40 -16.02 -8.60
N ARG A 128 18.60 -14.89 -7.91
CA ARG A 128 18.38 -14.86 -6.46
C ARG A 128 16.95 -15.33 -6.17
N ALA A 129 15.98 -14.79 -6.93
CA ALA A 129 14.57 -15.17 -6.83
C ALA A 129 14.38 -16.67 -7.09
N GLY A 130 14.98 -17.16 -8.17
CA GLY A 130 14.96 -18.60 -8.46
C GLY A 130 15.56 -19.43 -7.33
N ALA A 131 16.72 -19.02 -6.85
CA ALA A 131 17.38 -19.69 -5.72
C ALA A 131 16.55 -19.63 -4.43
N MET A 132 15.92 -18.48 -4.15
CA MET A 132 15.10 -18.39 -2.96
C MET A 132 13.81 -19.20 -3.07
N LEU A 133 13.22 -19.20 -4.26
CA LEU A 133 12.05 -20.00 -4.53
C LEU A 133 12.33 -21.48 -4.28
N GLU A 134 13.46 -21.97 -4.78
CA GLU A 134 13.84 -23.35 -4.58
C GLU A 134 14.08 -23.69 -3.10
N ALA A 135 14.78 -22.81 -2.38
CA ALA A 135 14.98 -23.01 -0.94
C ALA A 135 13.64 -23.05 -0.21
N VAL A 136 12.69 -22.21 -0.62
CA VAL A 136 11.39 -22.15 0.05
C VAL A 136 10.59 -23.41 -0.25
N THR A 137 10.67 -23.85 -1.50
CA THR A 137 9.99 -25.07 -1.93
C THR A 137 10.59 -26.27 -1.20
N ALA A 138 11.92 -26.32 -1.11
CA ALA A 138 12.62 -27.38 -0.33
C ALA A 138 12.20 -27.39 1.14
N ARG A 139 12.12 -26.22 1.76
CA ARG A 139 11.64 -26.14 3.14
C ARG A 139 10.21 -26.68 3.27
N LYS A 140 9.36 -26.40 2.27
CA LYS A 140 7.98 -26.86 2.27
C LYS A 140 7.83 -28.37 2.13
N ASP A 141 8.69 -28.98 1.31
CA ASP A 141 8.63 -30.43 0.99
C ASP A 141 7.39 -30.83 0.19
N LEU B 10 -7.14 26.17 -6.16
CA LEU B 10 -7.90 25.40 -5.20
C LEU B 10 -6.99 24.52 -4.35
N ARG B 11 -5.95 25.13 -3.78
CA ARG B 11 -5.00 24.42 -2.93
C ARG B 11 -4.98 24.97 -1.52
N GLY B 12 -4.58 26.24 -1.39
CA GLY B 12 -4.53 26.89 -0.10
C GLY B 12 -5.86 26.92 0.61
N LEU B 13 -6.75 26.01 0.20
CA LEU B 13 -8.08 25.93 0.79
C LEU B 13 -8.01 25.68 2.30
N SER B 14 -8.87 26.35 3.05
CA SER B 14 -8.91 26.20 4.50
C SER B 14 -9.40 24.81 4.90
N GLU B 15 -9.34 24.52 6.19
CA GLU B 15 -9.79 23.23 6.71
C GLU B 15 -11.31 23.12 6.68
N ASP B 16 -11.99 24.23 6.97
CA ASP B 16 -13.44 24.26 6.98
C ASP B 16 -14.01 23.96 5.60
N THR B 17 -13.41 24.58 4.58
CA THR B 17 -13.86 24.38 3.19
C THR B 17 -13.58 22.94 2.72
N LEU B 18 -12.37 22.46 3.01
CA LEU B 18 -12.01 21.08 2.79
C LEU B 18 -13.02 20.11 3.42
N GLU B 19 -13.45 20.40 4.64
CA GLU B 19 -14.45 19.60 5.32
C GLU B 19 -15.76 19.58 4.53
N GLN B 20 -16.17 20.77 4.09
CA GLN B 20 -17.41 20.93 3.33
C GLN B 20 -17.30 20.29 1.97
N LEU B 21 -16.09 20.32 1.41
CA LEU B 21 -15.80 19.64 0.16
C LEU B 21 -15.90 18.13 0.34
N TYR B 22 -15.39 17.63 1.46
CA TYR B 22 -15.56 16.21 1.82
C TYR B 22 -17.04 15.83 1.97
N ALA B 23 -17.80 16.69 2.64
CA ALA B 23 -19.23 16.47 2.84
C ALA B 23 -19.91 16.36 1.49
N LEU B 24 -19.44 17.16 0.54
CA LEU B 24 -19.97 17.16 -0.81
C LEU B 24 -19.69 15.84 -1.51
N GLY B 25 -18.46 15.33 -1.35
CA GLY B 25 -18.12 14.04 -1.95
C GLY B 25 -18.97 12.93 -1.36
N PHE B 26 -19.06 12.94 -0.03
CA PHE B 26 -19.83 12.01 0.75
C PHE B 26 -21.29 11.96 0.24
N ASN B 27 -21.88 13.15 0.04
CA ASN B 27 -23.26 13.26 -0.42
C ASN B 27 -23.54 12.81 -1.83
N GLN B 28 -22.64 13.09 -2.76
CA GLN B 28 -22.82 12.60 -4.13
C GLN B 28 -22.64 11.07 -4.20
N TYR B 29 -21.83 10.55 -3.28
CA TYR B 29 -21.65 9.10 -3.14
C TYR B 29 -22.91 8.43 -2.57
N GLN B 30 -23.58 9.07 -1.61
CA GLN B 30 -24.85 8.56 -1.08
C GLN B 30 -25.91 8.44 -2.18
N ALA B 31 -25.97 9.45 -3.05
CA ALA B 31 -27.00 9.54 -4.10
C ALA B 31 -26.72 8.64 -5.31
N GLY B 32 -25.60 7.91 -5.26
CA GLY B 32 -25.22 7.04 -6.35
C GLY B 32 -24.66 7.79 -7.56
N LYS B 33 -24.36 9.08 -7.39
CA LYS B 33 -23.64 9.82 -8.41
C LYS B 33 -22.16 9.52 -8.21
N TRP B 34 -21.73 8.38 -8.72
CA TRP B 34 -20.41 7.82 -8.40
C TRP B 34 -19.26 8.47 -9.09
N ASP B 35 -19.46 8.86 -10.35
CA ASP B 35 -18.39 9.48 -11.11
C ASP B 35 -18.10 10.88 -10.60
N ASP B 36 -19.16 11.64 -10.30
CA ASP B 36 -19.02 12.93 -9.64
C ASP B 36 -18.28 12.80 -8.31
N ALA B 37 -18.74 11.87 -7.47
CA ALA B 37 -18.15 11.66 -6.15
C ALA B 37 -16.67 11.23 -6.21
N GLN B 38 -16.34 10.40 -7.19
CA GLN B 38 -14.97 9.94 -7.41
C GLN B 38 -14.02 11.12 -7.60
N LYS B 39 -14.39 11.99 -8.54
CA LYS B 39 -13.65 13.21 -8.88
C LYS B 39 -13.42 14.10 -7.67
N ILE B 40 -14.46 14.28 -6.86
CA ILE B 40 -14.31 15.08 -5.65
C ILE B 40 -13.29 14.46 -4.68
N PHE B 41 -13.38 13.15 -4.44
CA PHE B 41 -12.43 12.49 -3.53
C PHE B 41 -11.01 12.51 -4.05
N GLN B 42 -10.86 12.23 -5.35
CA GLN B 42 -9.59 12.30 -6.04
C GLN B 42 -8.97 13.66 -5.74
N ALA B 43 -9.71 14.72 -6.07
CA ALA B 43 -9.28 16.08 -5.75
C ALA B 43 -8.81 16.21 -4.30
N LEU B 44 -9.62 15.71 -3.36
CA LEU B 44 -9.30 15.86 -1.94
C LEU B 44 -8.02 15.12 -1.52
N CYS B 45 -7.75 13.97 -2.15
CA CYS B 45 -6.55 13.19 -1.88
C CYS B 45 -5.26 13.97 -2.22
N MET B 46 -5.38 15.01 -3.06
CA MET B 46 -4.24 15.82 -3.50
C MET B 46 -4.05 17.13 -2.76
N LEU B 47 -5.15 17.69 -2.25
CA LEU B 47 -5.13 19.05 -1.68
C LEU B 47 -4.75 19.09 -0.21
N ASP B 48 -5.42 18.26 0.59
CA ASP B 48 -5.20 18.27 2.03
C ASP B 48 -3.99 17.41 2.38
N HIS B 49 -3.49 17.57 3.61
CA HIS B 49 -2.52 16.62 4.16
C HIS B 49 -3.24 15.28 4.24
N TYR B 50 -2.47 14.19 4.35
CA TYR B 50 -3.08 12.86 4.39
C TYR B 50 -4.30 12.87 5.30
N ASP B 51 -5.42 12.45 4.75
CA ASP B 51 -6.60 12.16 5.53
C ASP B 51 -7.16 10.87 5.02
N ALA B 52 -7.33 9.91 5.93
CA ALA B 52 -7.84 8.58 5.62
C ALA B 52 -9.19 8.59 4.93
N ARG B 53 -10.06 9.53 5.29
CA ARG B 53 -11.46 9.49 4.81
C ARG B 53 -11.54 9.66 3.30
N TYR B 54 -10.62 10.46 2.74
CA TYR B 54 -10.63 10.74 1.31
C TYR B 54 -10.32 9.48 0.51
N PHE B 55 -9.36 8.70 1.01
CA PHE B 55 -8.97 7.45 0.36
C PHE B 55 -10.04 6.38 0.42
N LEU B 56 -10.78 6.37 1.54
CA LEU B 56 -11.91 5.47 1.71
C LEU B 56 -13.03 5.83 0.72
N GLY B 57 -13.39 7.11 0.67
CA GLY B 57 -14.41 7.62 -0.28
C GLY B 57 -14.11 7.33 -1.73
N LEU B 58 -12.86 7.56 -2.13
CA LEU B 58 -12.35 7.21 -3.46
C LEU B 58 -12.50 5.72 -3.84
N GLY B 59 -11.97 4.85 -2.97
CA GLY B 59 -12.08 3.40 -3.16
C GLY B 59 -13.53 2.99 -3.28
N ALA B 60 -14.36 3.49 -2.38
CA ALA B 60 -15.81 3.26 -2.45
C ALA B 60 -16.47 3.63 -3.81
N CYS B 61 -16.20 4.84 -4.32
CA CYS B 61 -16.74 5.24 -5.63
C CYS B 61 -16.32 4.29 -6.73
N ARG B 62 -15.07 3.84 -6.65
CA ARG B 62 -14.51 3.01 -7.69
C ARG B 62 -15.05 1.60 -7.66
N GLN B 63 -15.33 1.11 -6.45
CA GLN B 63 -16.05 -0.14 -6.25
C GLN B 63 -17.42 -0.07 -6.93
N SER B 64 -18.18 0.98 -6.61
CA SER B 64 -19.52 1.18 -7.17
C SER B 64 -19.54 1.33 -8.70
N LEU B 65 -18.45 1.84 -9.27
CA LEU B 65 -18.33 1.96 -10.71
C LEU B 65 -17.77 0.71 -11.36
N GLY B 66 -17.45 -0.26 -10.54
CA GLY B 66 -16.94 -1.52 -10.99
C GLY B 66 -15.50 -1.51 -11.40
N LEU B 67 -14.76 -0.52 -10.92
CA LEU B 67 -13.34 -0.40 -11.20
C LEU B 67 -12.59 -0.96 -10.00
N TYR B 68 -12.49 -2.29 -9.97
CA TYR B 68 -12.01 -2.98 -8.80
C TYR B 68 -10.53 -2.84 -8.57
N GLU B 69 -9.75 -2.79 -9.63
CA GLU B 69 -8.31 -2.56 -9.52
C GLU B 69 -7.99 -1.18 -8.94
N GLN B 70 -8.73 -0.16 -9.40
CA GLN B 70 -8.49 1.21 -8.94
C GLN B 70 -8.85 1.37 -7.48
N ALA B 71 -9.97 0.76 -7.07
CA ALA B 71 -10.41 0.80 -5.69
C ALA B 71 -9.38 0.14 -4.76
N LEU B 72 -8.81 -0.99 -5.19
CA LEU B 72 -7.76 -1.68 -4.42
C LEU B 72 -6.56 -0.77 -4.16
N GLN B 73 -6.18 0.03 -5.15
CA GLN B 73 -5.09 0.98 -4.99
C GLN B 73 -5.38 1.98 -3.88
N SER B 74 -6.56 2.59 -3.90
CA SER B 74 -6.95 3.55 -2.86
C SER B 74 -6.96 2.94 -1.46
N TYR B 75 -7.37 1.70 -1.36
CA TYR B 75 -7.48 1.05 -0.09
C TYR B 75 -6.13 0.66 0.49
N SER B 76 -5.26 0.22 -0.37
CA SER B 76 -3.93 -0.16 0.00
C SER B 76 -3.18 1.03 0.54
N TYR B 77 -3.29 2.15 -0.12
CA TYR B 77 -2.71 3.35 0.38
C TYR B 77 -3.24 3.71 1.74
N GLY B 78 -4.54 3.73 1.90
CA GLY B 78 -5.16 3.95 3.21
C GLY B 78 -4.57 3.06 4.29
N ALA B 79 -4.51 1.76 4.00
CA ALA B 79 -3.98 0.75 4.92
C ALA B 79 -2.53 1.00 5.32
N LEU B 80 -1.72 1.48 4.38
CA LEU B 80 -0.31 1.76 4.62
C LEU B 80 -0.12 2.89 5.64
N MET B 81 -0.99 3.88 5.56
CA MET B 81 -0.85 5.12 6.28
C MET B 81 -1.67 5.16 7.57
N ASP B 82 -2.67 4.30 7.65
CA ASP B 82 -3.50 4.23 8.84
C ASP B 82 -3.61 2.76 9.23
N ILE B 83 -2.57 2.29 9.91
CA ILE B 83 -2.41 0.86 10.20
C ILE B 83 -3.42 0.31 11.22
N ASN B 84 -4.20 1.22 11.83
CA ASN B 84 -5.21 0.84 12.79
C ASN B 84 -6.63 0.82 12.22
N GLU B 85 -6.80 1.31 11.00
CA GLU B 85 -8.10 1.40 10.35
C GLU B 85 -8.50 0.08 9.69
N PRO B 86 -9.48 -0.63 10.28
CA PRO B 86 -9.91 -1.94 9.74
C PRO B 86 -10.65 -1.90 8.40
N ARG B 87 -11.23 -0.75 8.06
CA ARG B 87 -12.06 -0.67 6.85
C ARG B 87 -11.26 -0.79 5.55
N PHE B 88 -9.99 -0.39 5.59
CA PHE B 88 -9.12 -0.52 4.43
C PHE B 88 -8.91 -1.96 4.00
N PRO B 89 -8.38 -2.83 4.90
CA PRO B 89 -8.24 -4.24 4.52
C PRO B 89 -9.57 -4.93 4.23
N PHE B 90 -10.65 -4.52 4.89
CA PHE B 90 -11.95 -5.12 4.62
C PHE B 90 -12.42 -4.88 3.18
N HIS B 91 -12.40 -3.62 2.75
CA HIS B 91 -12.89 -3.33 1.39
C HIS B 91 -11.90 -3.67 0.33
N ALA B 92 -10.61 -3.69 0.68
CA ALA B 92 -9.59 -4.26 -0.21
C ALA B 92 -9.92 -5.73 -0.48
N ALA B 93 -10.31 -6.44 0.58
CA ALA B 93 -10.63 -7.86 0.46
C ALA B 93 -11.82 -8.08 -0.46
N GLU B 94 -12.82 -7.19 -0.37
CA GLU B 94 -13.97 -7.23 -1.28
C GLU B 94 -13.56 -7.09 -2.74
N CYS B 95 -12.64 -6.16 -3.02
CA CYS B 95 -12.12 -5.98 -4.38
C CYS B 95 -11.33 -7.19 -4.86
N HIS B 96 -10.47 -7.70 -3.99
CA HIS B 96 -9.70 -8.92 -4.26
C HIS B 96 -10.61 -10.04 -4.67
N LEU B 97 -11.75 -10.17 -3.98
CA LEU B 97 -12.73 -11.19 -4.32
C LEU B 97 -13.26 -10.99 -5.73
N GLN B 98 -13.62 -9.75 -6.06
CA GLN B 98 -14.11 -9.40 -7.39
C GLN B 98 -13.09 -9.68 -8.50
N LEU B 99 -11.81 -9.58 -8.16
CA LEU B 99 -10.76 -9.87 -9.11
C LEU B 99 -10.42 -11.36 -9.13
N GLY B 100 -11.07 -12.13 -8.26
CA GLY B 100 -10.77 -13.55 -8.09
C GLY B 100 -9.43 -13.82 -7.43
N ASP B 101 -8.93 -12.86 -6.66
CA ASP B 101 -7.76 -13.06 -5.82
C ASP B 101 -8.22 -13.47 -4.42
N LEU B 102 -8.24 -14.78 -4.19
CA LEU B 102 -8.76 -15.35 -2.95
C LEU B 102 -7.77 -15.17 -1.79
N ASP B 103 -6.47 -15.21 -2.10
CA ASP B 103 -5.44 -15.01 -1.08
C ASP B 103 -5.39 -13.57 -0.56
N GLY B 104 -5.63 -12.61 -1.44
CA GLY B 104 -5.69 -11.20 -1.05
C GLY B 104 -6.91 -10.98 -0.18
N ALA B 105 -8.03 -11.58 -0.61
CA ALA B 105 -9.29 -11.49 0.11
C ALA B 105 -9.15 -12.03 1.54
N GLU B 106 -8.65 -13.26 1.65
CA GLU B 106 -8.42 -13.92 2.93
C GLU B 106 -7.54 -13.08 3.85
N SER B 107 -6.37 -12.66 3.37
CA SER B 107 -5.45 -11.84 4.18
C SER B 107 -6.07 -10.48 4.54
N GLY B 108 -6.87 -9.95 3.64
CA GLY B 108 -7.57 -8.68 3.86
C GLY B 108 -8.61 -8.84 4.94
N PHE B 109 -9.53 -9.80 4.73
CA PHE B 109 -10.60 -10.05 5.69
C PHE B 109 -10.08 -10.38 7.08
N TYR B 110 -9.00 -11.14 7.14
CA TYR B 110 -8.35 -11.49 8.37
C TYR B 110 -7.71 -10.35 9.05
N SER B 111 -7.01 -9.51 8.33
CA SER B 111 -6.43 -8.37 8.97
C SER B 111 -7.49 -7.37 9.48
N ALA B 112 -8.62 -7.31 8.82
CA ALA B 112 -9.67 -6.42 9.22
C ALA B 112 -10.25 -6.87 10.52
N ARG B 113 -10.52 -8.16 10.62
CA ARG B 113 -10.98 -8.75 11.87
C ARG B 113 -10.05 -8.42 13.04
N ALA B 114 -8.76 -8.71 12.89
CA ALA B 114 -7.81 -8.50 14.01
C ALA B 114 -7.81 -7.05 14.51
N LEU B 115 -7.75 -6.10 13.58
CA LEU B 115 -7.80 -4.69 13.91
C LEU B 115 -9.13 -4.30 14.55
N ALA B 116 -10.22 -4.74 13.95
CA ALA B 116 -11.57 -4.42 14.42
C ALA B 116 -11.85 -5.05 15.79
N ALA B 117 -11.30 -6.25 16.02
CA ALA B 117 -11.43 -6.93 17.31
C ALA B 117 -10.77 -6.14 18.44
N ALA B 118 -9.70 -5.41 18.13
CA ALA B 118 -8.96 -4.66 19.16
C ALA B 118 -9.52 -3.27 19.48
N GLN B 119 -10.70 -2.95 18.94
CA GLN B 119 -11.25 -1.59 18.98
C GLN B 119 -12.76 -1.64 19.13
N PRO B 120 -13.29 -1.11 20.25
CA PRO B 120 -14.72 -1.18 20.56
C PRO B 120 -15.65 -0.76 19.41
N ALA B 121 -15.30 0.31 18.70
CA ALA B 121 -16.21 0.90 17.70
C ALA B 121 -16.48 0.05 16.44
N HIS B 122 -15.62 -0.94 16.18
CA HIS B 122 -15.72 -1.72 14.94
C HIS B 122 -16.21 -3.15 15.09
N GLU B 123 -17.05 -3.40 16.09
CA GLU B 123 -17.56 -4.74 16.38
C GLU B 123 -18.31 -5.40 15.22
N ALA B 124 -19.21 -4.66 14.58
CA ALA B 124 -20.03 -5.19 13.47
C ALA B 124 -19.18 -5.54 12.24
N LEU B 125 -18.08 -4.81 12.05
CA LEU B 125 -17.15 -5.08 10.96
C LEU B 125 -16.36 -6.35 11.23
N ALA B 126 -15.82 -6.48 12.44
CA ALA B 126 -15.12 -7.71 12.89
C ALA B 126 -15.94 -8.96 12.57
N ALA B 127 -17.18 -8.98 13.06
CA ALA B 127 -18.07 -10.11 12.82
C ALA B 127 -18.23 -10.38 11.34
N ARG B 128 -18.50 -9.29 10.59
CA ARG B 128 -18.73 -9.36 9.15
C ARG B 128 -17.49 -9.85 8.40
N ALA B 129 -16.31 -9.42 8.85
CA ALA B 129 -15.04 -9.91 8.33
C ALA B 129 -14.91 -11.41 8.60
N GLY B 130 -15.23 -11.83 9.82
CA GLY B 130 -15.28 -13.26 10.19
C GLY B 130 -16.15 -14.07 9.24
N ALA B 131 -17.38 -13.60 9.01
CA ALA B 131 -18.29 -14.24 8.06
C ALA B 131 -17.70 -14.30 6.65
N MET B 132 -16.91 -13.29 6.28
CA MET B 132 -16.28 -13.26 4.97
C MET B 132 -14.96 -14.05 4.94
N LEU B 133 -14.28 -14.17 6.09
CA LEU B 133 -13.09 -15.02 6.20
C LEU B 133 -13.45 -16.48 6.51
N THR C 1 21.85 -9.35 3.37
CA THR C 1 21.71 -8.34 2.28
C THR C 1 20.48 -7.48 2.55
N GLY C 2 20.61 -6.17 2.36
CA GLY C 2 19.48 -5.26 2.45
C GLY C 2 18.77 -5.18 1.11
N VAL C 3 18.13 -4.04 0.86
CA VAL C 3 17.42 -3.80 -0.39
C VAL C 3 18.29 -2.89 -1.24
N ALA C 4 18.39 -3.20 -2.53
CA ALA C 4 19.13 -2.36 -3.45
C ALA C 4 18.20 -1.31 -4.03
N LEU C 5 18.14 -0.17 -3.34
CA LEU C 5 17.26 0.93 -3.76
C LEU C 5 17.78 1.58 -5.03
N THR C 6 16.89 2.21 -5.78
CA THR C 6 17.29 2.89 -7.01
C THR C 6 17.98 4.21 -6.66
N PRO C 7 19.22 4.40 -7.14
CA PRO C 7 19.99 5.61 -6.86
C PRO C 7 19.25 6.86 -7.33
N PRO C 8 19.33 7.96 -6.55
CA PRO C 8 18.74 9.24 -6.98
C PRO C 8 19.38 9.74 -8.27
N SER C 9 18.70 10.60 -9.00
CA SER C 9 19.25 11.20 -10.22
C SER C 9 20.23 12.34 -9.88
N VAL D 3 -19.93 0.45 1.16
CA VAL D 3 -18.90 1.05 2.05
C VAL D 3 -19.50 2.17 2.89
N ALA D 4 -19.24 2.12 4.19
CA ALA D 4 -19.69 3.14 5.15
C ALA D 4 -18.56 4.14 5.43
N LEU D 5 -18.60 5.28 4.73
CA LEU D 5 -17.61 6.35 4.94
C LEU D 5 -17.85 7.07 6.28
N THR D 6 -16.78 7.61 6.84
CA THR D 6 -16.86 8.39 8.09
C THR D 6 -17.70 9.63 7.83
N PRO D 7 -18.72 9.87 8.67
CA PRO D 7 -19.59 11.03 8.47
C PRO D 7 -18.86 12.38 8.69
N PRO D 8 -19.29 13.45 8.01
CA PRO D 8 -18.79 14.79 8.26
C PRO D 8 -19.10 15.25 9.68
C TRS E . 3.67 0.74 -15.01
C1 TRS E . 4.55 1.99 -15.16
C2 TRS E . 2.70 0.98 -13.85
C3 TRS E . 4.51 -0.51 -14.83
N TRS E . 2.91 0.56 -16.28
O1 TRS E . 5.45 2.11 -14.05
O2 TRS E . 2.14 -0.18 -13.24
O3 TRS E . 5.80 -0.34 -15.41
#